data_3ZLR
#
_entry.id   3ZLR
#
_cell.length_a   56.241
_cell.length_b   56.241
_cell.length_c   211.950
_cell.angle_alpha   90.00
_cell.angle_beta   90.00
_cell.angle_gamma   90.00
#
_symmetry.space_group_name_H-M   'P 43 2 2'
#
loop_
_entity.id
_entity.type
_entity.pdbx_description
1 polymer 'BCL-2-LIKE PROTEIN 1'
2 non-polymer '5-[3-[4-(aminomethyl)phenoxy]propyl]-2-[(8E)-8-(1,3-benzothiazol-2-ylhydrazinylidene)-6,7-dihydro-5H-naphthalen-2-yl]-1,3-thiazole-4-carboxylic acid'
3 non-polymer 1,2-ETHANEDIOL
4 non-polymer 'SULFATE ION'
5 water water
#
_entity_poly.entity_id   1
_entity_poly.type   'polypeptide(L)'
_entity_poly.pdbx_seq_one_letter_code
;GPLGSMSQSNRELVVDFLSYKLSQKGYSWSQMAAVKQALREAGDEFELRYRRAFSDLTSQLHITPGTAYQSFEQVVNELF
RDGVNWGRIVAFFSFGGALCVESVDKEMQVLVSRIAAWMATYLNDHLEPWIQENGGWDTFVELYGNNAAAESRKGQER
;
_entity_poly.pdbx_strand_id   A,B
#
# COMPACT_ATOMS: atom_id res chain seq x y z
N GLY A 1 9.05 18.21 -9.28
CA GLY A 1 7.75 18.04 -9.89
C GLY A 1 6.84 19.24 -9.66
N PRO A 2 5.55 19.10 -10.02
CA PRO A 2 4.54 20.16 -9.87
C PRO A 2 4.41 20.58 -8.40
N LEU A 3 3.74 21.71 -8.13
CA LEU A 3 3.82 22.34 -6.82
C LEU A 3 3.38 21.47 -5.64
N GLY A 4 2.36 20.64 -5.86
CA GLY A 4 1.79 19.82 -4.80
C GLY A 4 2.32 18.39 -4.77
N SER A 5 3.26 18.09 -5.66
CA SER A 5 3.76 16.73 -5.80
C SER A 5 4.32 16.15 -4.48
N MET A 6 5.16 16.92 -3.81
CA MET A 6 5.73 16.47 -2.55
C MET A 6 4.65 16.24 -1.51
N SER A 7 3.66 17.13 -1.49
CA SER A 7 2.54 16.99 -0.57
C SER A 7 1.78 15.67 -0.77
N GLN A 8 1.45 15.33 -2.02
CA GLN A 8 0.72 14.10 -2.31
C GLN A 8 1.57 12.86 -2.06
N SER A 9 2.84 12.90 -2.47
CA SER A 9 3.70 11.73 -2.34
C SER A 9 4.09 11.47 -0.88
N ASN A 10 4.28 12.51 -0.08
CA ASN A 10 4.51 12.33 1.34
C ASN A 10 3.30 11.72 2.04
N ARG A 11 2.12 12.22 1.69
CA ARG A 11 0.89 11.71 2.28
C ARG A 11 0.71 10.24 1.93
N GLU A 12 0.97 9.91 0.67
CA GLU A 12 0.87 8.54 0.18
C GLU A 12 1.82 7.63 0.97
N LEU A 13 3.02 8.14 1.23
CA LEU A 13 4.02 7.38 1.96
C LEU A 13 3.62 7.19 3.44
N VAL A 14 3.23 8.27 4.10
CA VAL A 14 2.80 8.19 5.49
C VAL A 14 1.63 7.22 5.69
N VAL A 15 0.58 7.37 4.89
CA VAL A 15 -0.60 6.52 5.03
C VAL A 15 -0.26 5.04 4.78
N ASP A 16 0.55 4.76 3.77
CA ASP A 16 0.98 3.40 3.48
C ASP A 16 1.69 2.77 4.68
N PHE A 17 2.63 3.51 5.26
CA PHE A 17 3.44 2.97 6.34
C PHE A 17 2.60 2.77 7.59
N LEU A 18 1.79 3.77 7.92
CA LEU A 18 0.91 3.66 9.09
C LEU A 18 -0.10 2.53 8.92
N SER A 19 -0.61 2.36 7.70
CA SER A 19 -1.58 1.29 7.42
C SER A 19 -0.93 -0.08 7.66
N TYR A 20 0.32 -0.20 7.22
CA TYR A 20 1.07 -1.42 7.39
C TYR A 20 1.31 -1.72 8.87
N LYS A 21 1.77 -0.72 9.61
CA LYS A 21 2.12 -0.94 11.01
C LYS A 21 0.91 -1.28 11.87
N LEU A 22 -0.22 -0.63 11.58
CA LEU A 22 -1.45 -0.91 12.30
C LEU A 22 -1.93 -2.32 11.97
N SER A 23 -1.89 -2.67 10.68
CA SER A 23 -2.32 -3.98 10.23
C SER A 23 -1.55 -5.10 10.93
N GLN A 24 -0.26 -4.89 11.17
CA GLN A 24 0.58 -5.92 11.76
C GLN A 24 0.17 -6.22 13.21
N LYS A 25 -0.55 -5.28 13.82
CA LYS A 25 -0.98 -5.46 15.20
C LYS A 25 -2.47 -5.77 15.29
N GLY A 26 -3.08 -6.09 14.15
CA GLY A 26 -4.48 -6.47 14.10
C GLY A 26 -5.42 -5.26 14.05
N TYR A 27 -4.87 -4.10 13.73
CA TYR A 27 -5.69 -2.90 13.60
C TYR A 27 -5.74 -2.47 12.13
N SER A 28 -6.34 -1.30 11.88
CA SER A 28 -6.43 -0.79 10.51
C SER A 28 -6.52 0.73 10.47
N TRP A 29 -5.81 1.32 9.51
CA TRP A 29 -5.89 2.75 9.25
C TRP A 29 -7.34 3.20 9.01
N SER A 30 -8.10 2.39 8.28
CA SER A 30 -9.49 2.69 7.95
C SER A 30 -10.15 1.38 7.56
N GLN A 31 -11.47 1.38 7.43
CA GLN A 31 -12.15 0.17 6.97
C GLN A 31 -11.72 -0.17 5.55
N MET A 32 -11.52 0.86 4.72
CA MET A 32 -11.04 0.62 3.35
C MET A 32 -9.63 -0.02 3.34
N ALA A 33 -8.76 0.40 4.25
CA ALA A 33 -7.44 -0.24 4.39
C ALA A 33 -7.57 -1.72 4.76
N ALA A 34 -8.59 -2.08 5.55
CA ALA A 34 -8.80 -3.47 5.93
C ALA A 34 -9.24 -4.30 4.73
N VAL A 35 -10.12 -3.72 3.90
CA VAL A 35 -10.52 -4.34 2.63
C VAL A 35 -9.33 -4.56 1.68
N LYS A 36 -8.49 -3.53 1.52
CA LYS A 36 -7.31 -3.64 0.66
C LYS A 36 -6.39 -4.76 1.09
N GLN A 37 -6.10 -4.81 2.39
CA GLN A 37 -5.20 -5.83 2.90
C GLN A 37 -5.77 -7.24 2.72
N ALA A 38 -7.05 -7.40 3.01
CA ALA A 38 -7.72 -8.69 2.82
C ALA A 38 -7.68 -9.12 1.35
N LEU A 39 -7.84 -8.16 0.45
CA LEU A 39 -7.80 -8.46 -0.97
C LEU A 39 -6.38 -8.79 -1.44
N ARG A 40 -5.39 -8.07 -0.91
CA ARG A 40 -3.99 -8.39 -1.22
C ARG A 40 -3.69 -9.84 -0.82
N GLU A 41 -4.09 -10.21 0.40
CA GLU A 41 -3.85 -11.55 0.94
C GLU A 41 -4.59 -12.63 0.15
N ALA A 42 -5.85 -12.36 -0.19
CA ALA A 42 -6.64 -13.33 -0.93
C ALA A 42 -6.07 -13.55 -2.34
N GLY A 43 -5.69 -12.46 -3.00
CA GLY A 43 -5.11 -12.55 -4.33
C GLY A 43 -3.82 -13.35 -4.34
N ASP A 44 -2.96 -13.10 -3.35
CA ASP A 44 -1.69 -13.84 -3.21
C ASP A 44 -1.97 -15.34 -3.06
N GLU A 45 -2.97 -15.67 -2.25
CA GLU A 45 -3.30 -17.08 -2.01
C GLU A 45 -3.92 -17.71 -3.26
N PHE A 46 -4.80 -16.99 -3.94
CA PHE A 46 -5.32 -17.48 -5.21
C PHE A 46 -4.16 -17.85 -6.14
N GLU A 47 -3.18 -16.95 -6.23
CA GLU A 47 -2.04 -17.16 -7.13
C GLU A 47 -1.13 -18.30 -6.68
N LEU A 48 -0.98 -18.44 -5.37
CA LEU A 48 -0.14 -19.51 -4.82
C LEU A 48 -0.76 -20.89 -4.99
N ARG A 49 -2.06 -21.00 -4.75
CA ARG A 49 -2.69 -22.31 -4.55
C ARG A 49 -3.72 -22.75 -5.59
N TYR A 50 -4.46 -21.81 -6.18
CA TYR A 50 -5.63 -22.21 -6.96
C TYR A 50 -5.55 -21.92 -8.45
N ARG A 51 -4.73 -20.94 -8.82
CA ARG A 51 -4.77 -20.42 -10.19
C ARG A 51 -4.40 -21.44 -11.26
N ARG A 52 -3.34 -22.22 -11.02
CA ARG A 52 -2.84 -23.18 -12.00
C ARG A 52 -3.82 -24.30 -12.34
N ALA A 53 -4.84 -24.50 -11.53
CA ALA A 53 -5.83 -25.55 -11.80
C ALA A 53 -6.89 -25.11 -12.82
N PHE A 54 -6.95 -23.82 -13.11
CA PHE A 54 -7.87 -23.28 -14.11
C PHE A 54 -7.17 -23.01 -15.43
N SER A 55 -7.93 -22.98 -16.53
CA SER A 55 -7.37 -22.54 -17.81
C SER A 55 -6.91 -21.09 -17.66
N ASP A 56 -5.86 -20.72 -18.40
CA ASP A 56 -5.26 -19.39 -18.30
C ASP A 56 -6.05 -18.33 -19.10
N LEU A 57 -6.85 -17.52 -18.41
CA LEU A 57 -7.64 -16.49 -19.08
C LEU A 57 -6.81 -15.43 -19.84
N THR A 58 -5.55 -15.22 -19.45
CA THR A 58 -4.71 -14.25 -20.16
C THR A 58 -4.46 -14.71 -21.59
N SER A 59 -4.46 -16.03 -21.79
CA SER A 59 -4.33 -16.61 -23.12
C SER A 59 -5.56 -16.30 -23.98
N GLN A 60 -6.72 -16.24 -23.34
CA GLN A 60 -7.97 -15.97 -24.05
C GLN A 60 -8.05 -14.52 -24.52
N LEU A 61 -7.52 -13.61 -23.73
CA LEU A 61 -7.59 -12.20 -24.07
C LEU A 61 -6.55 -11.81 -25.15
N HIS A 62 -5.32 -12.28 -24.97
CA HIS A 62 -4.19 -11.88 -25.83
C HIS A 62 -4.18 -10.38 -26.08
N ILE A 63 -3.97 -9.65 -24.99
CA ILE A 63 -4.06 -8.20 -24.96
C ILE A 63 -3.01 -7.53 -25.85
N THR A 64 -3.44 -6.47 -26.55
CA THR A 64 -2.57 -5.68 -27.43
C THR A 64 -2.95 -4.21 -27.18
N PRO A 65 -2.17 -3.26 -27.72
CA PRO A 65 -2.61 -1.86 -27.53
C PRO A 65 -3.94 -1.53 -28.21
N GLY A 66 -4.39 -2.38 -29.14
CA GLY A 66 -5.66 -2.16 -29.80
C GLY A 66 -6.86 -2.70 -29.03
N THR A 67 -6.59 -3.33 -27.89
CA THR A 67 -7.64 -3.97 -27.10
C THR A 67 -8.55 -2.97 -26.37
N ALA A 68 -9.86 -3.16 -26.50
CA ALA A 68 -10.86 -2.30 -25.88
C ALA A 68 -11.62 -3.04 -24.78
N TYR A 69 -12.39 -2.30 -23.98
CA TYR A 69 -13.12 -2.88 -22.85
C TYR A 69 -13.94 -4.09 -23.24
N GLN A 70 -14.60 -4.03 -24.40
CA GLN A 70 -15.53 -5.08 -24.79
C GLN A 70 -14.88 -6.47 -24.81
N SER A 71 -13.65 -6.55 -25.30
CA SER A 71 -12.92 -7.81 -25.31
C SER A 71 -12.61 -8.26 -23.90
N PHE A 72 -12.18 -7.32 -23.05
CA PHE A 72 -11.87 -7.62 -21.67
C PHE A 72 -13.12 -8.12 -20.95
N GLU A 73 -14.23 -7.41 -21.16
CA GLU A 73 -15.49 -7.80 -20.54
C GLU A 73 -15.92 -9.23 -20.95
N GLN A 74 -15.80 -9.56 -22.23
CA GLN A 74 -16.22 -10.89 -22.69
C GLN A 74 -15.39 -12.00 -22.04
N VAL A 75 -14.08 -11.78 -21.87
CA VAL A 75 -13.22 -12.78 -21.25
C VAL A 75 -13.52 -12.90 -19.76
N VAL A 76 -13.67 -11.76 -19.09
CA VAL A 76 -13.96 -11.74 -17.65
C VAL A 76 -15.29 -12.43 -17.32
N ASN A 77 -16.29 -12.25 -18.18
CA ASN A 77 -17.57 -12.93 -18.01
C ASN A 77 -17.39 -14.43 -17.78
N GLU A 78 -16.34 -15.02 -18.35
CA GLU A 78 -16.12 -16.46 -18.24
C GLU A 78 -15.90 -16.85 -16.77
N LEU A 79 -15.26 -15.96 -16.01
CA LEU A 79 -15.11 -16.16 -14.56
C LEU A 79 -16.44 -16.37 -13.86
N PHE A 80 -17.46 -15.64 -14.30
CA PHE A 80 -18.73 -15.62 -13.61
C PHE A 80 -19.85 -16.33 -14.35
N ARG A 81 -19.48 -17.23 -15.26
CA ARG A 81 -20.49 -17.99 -16.02
C ARG A 81 -21.38 -18.84 -15.12
N ASP A 82 -20.87 -19.29 -13.97
CA ASP A 82 -21.68 -20.05 -13.01
C ASP A 82 -22.11 -19.19 -11.83
N GLY A 83 -22.04 -17.87 -12.00
CA GLY A 83 -22.48 -16.96 -10.96
C GLY A 83 -21.35 -16.27 -10.21
N VAL A 84 -21.71 -15.29 -9.38
CA VAL A 84 -20.72 -14.56 -8.60
C VAL A 84 -20.53 -15.20 -7.24
N ASN A 85 -19.26 -15.31 -6.83
CA ASN A 85 -18.95 -15.57 -5.43
C ASN A 85 -17.65 -14.84 -5.12
N TRP A 86 -17.25 -14.82 -3.86
CA TRP A 86 -16.11 -13.97 -3.49
C TRP A 86 -14.82 -14.49 -4.11
N GLY A 87 -14.67 -15.80 -4.20
CA GLY A 87 -13.47 -16.38 -4.80
C GLY A 87 -13.29 -15.94 -6.24
N ARG A 88 -14.40 -15.84 -6.96
CA ARG A 88 -14.37 -15.45 -8.37
C ARG A 88 -14.05 -13.96 -8.54
N ILE A 89 -14.53 -13.16 -7.59
CA ILE A 89 -14.13 -11.76 -7.58
C ILE A 89 -12.63 -11.63 -7.30
N VAL A 90 -12.12 -12.46 -6.37
CA VAL A 90 -10.67 -12.49 -6.11
C VAL A 90 -9.90 -12.85 -7.39
N ALA A 91 -10.35 -13.86 -8.11
CA ALA A 91 -9.70 -14.25 -9.36
C ALA A 91 -9.73 -13.11 -10.38
N PHE A 92 -10.82 -12.35 -10.37
CA PHE A 92 -10.96 -11.17 -11.21
C PHE A 92 -9.87 -10.13 -10.91
N PHE A 93 -9.66 -9.82 -9.64
CA PHE A 93 -8.60 -8.85 -9.31
C PHE A 93 -7.25 -9.41 -9.72
N SER A 94 -7.03 -10.70 -9.45
CA SER A 94 -5.76 -11.34 -9.81
C SER A 94 -5.51 -11.31 -11.31
N PHE A 95 -6.57 -11.53 -12.08
CA PHE A 95 -6.51 -11.48 -13.53
C PHE A 95 -6.07 -10.10 -14.01
N GLY A 96 -6.69 -9.06 -13.45
CA GLY A 96 -6.36 -7.69 -13.80
C GLY A 96 -4.89 -7.43 -13.51
N GLY A 97 -4.43 -7.93 -12.37
CA GLY A 97 -3.03 -7.74 -12.00
C GLY A 97 -2.09 -8.46 -12.94
N ALA A 98 -2.46 -9.67 -13.35
CA ALA A 98 -1.63 -10.44 -14.25
C ALA A 98 -1.54 -9.77 -15.62
N LEU A 99 -2.66 -9.21 -16.09
CA LEU A 99 -2.66 -8.47 -17.35
C LEU A 99 -1.73 -7.27 -17.29
N CYS A 100 -1.76 -6.55 -16.18
CA CYS A 100 -0.90 -5.39 -16.03
C CYS A 100 0.57 -5.79 -16.09
N VAL A 101 0.93 -6.82 -15.34
CA VAL A 101 2.32 -7.31 -15.35
C VAL A 101 2.73 -7.76 -16.73
N GLU A 102 1.90 -8.59 -17.36
CA GLU A 102 2.15 -9.06 -18.72
C GLU A 102 2.34 -7.89 -19.68
N SER A 103 1.47 -6.88 -19.60
CA SER A 103 1.58 -5.71 -20.47
C SER A 103 2.93 -5.01 -20.31
N VAL A 104 3.39 -4.84 -19.07
CA VAL A 104 4.70 -4.24 -18.85
C VAL A 104 5.82 -5.14 -19.37
N ASP A 105 5.73 -6.45 -19.07
CA ASP A 105 6.67 -7.43 -19.59
C ASP A 105 6.80 -7.34 -21.10
N LYS A 106 5.71 -7.02 -21.79
CA LYS A 106 5.72 -6.98 -23.24
C LYS A 106 5.78 -5.55 -23.83
N GLU A 107 6.21 -4.60 -23.01
CA GLU A 107 6.39 -3.21 -23.49
C GLU A 107 5.09 -2.65 -24.04
N MET A 108 4.01 -2.87 -23.30
CA MET A 108 2.73 -2.27 -23.64
C MET A 108 2.27 -1.53 -22.40
N GLN A 109 3.14 -0.67 -21.87
CA GLN A 109 2.89 0.01 -20.62
C GLN A 109 1.58 0.81 -20.62
N VAL A 110 1.14 1.25 -21.81
CA VAL A 110 -0.11 2.01 -21.93
C VAL A 110 -1.32 1.26 -21.38
N LEU A 111 -1.28 -0.06 -21.42
CA LEU A 111 -2.42 -0.88 -21.00
C LEU A 111 -2.72 -0.85 -19.51
N VAL A 112 -1.72 -0.52 -18.68
CA VAL A 112 -1.89 -0.60 -17.23
C VAL A 112 -3.01 0.34 -16.77
N SER A 113 -2.89 1.61 -17.11
CA SER A 113 -3.97 2.56 -16.79
C SER A 113 -5.29 2.17 -17.47
N ARG A 114 -5.22 1.63 -18.68
CA ARG A 114 -6.43 1.16 -19.38
C ARG A 114 -7.15 0.06 -18.60
N ILE A 115 -6.39 -0.95 -18.15
CA ILE A 115 -6.94 -2.07 -17.39
C ILE A 115 -7.57 -1.61 -16.09
N ALA A 116 -6.97 -0.60 -15.47
CA ALA A 116 -7.48 -0.06 -14.22
C ALA A 116 -8.88 0.48 -14.40
N ALA A 117 -9.09 1.24 -15.48
CA ALA A 117 -10.41 1.76 -15.79
C ALA A 117 -11.40 0.66 -16.23
N TRP A 118 -10.90 -0.35 -16.95
CA TRP A 118 -11.71 -1.51 -17.30
C TRP A 118 -12.27 -2.18 -16.04
N MET A 119 -11.40 -2.42 -15.07
CA MET A 119 -11.80 -3.11 -13.86
C MET A 119 -12.85 -2.32 -13.07
N ALA A 120 -12.66 -1.01 -12.93
CA ALA A 120 -13.61 -0.18 -12.20
C ALA A 120 -15.00 -0.23 -12.85
N THR A 121 -15.01 -0.14 -14.18
CA THR A 121 -16.27 -0.24 -14.91
C THR A 121 -16.88 -1.63 -14.77
N TYR A 122 -16.07 -2.68 -14.82
CA TYR A 122 -16.66 -4.02 -14.73
C TYR A 122 -17.25 -4.23 -13.34
N LEU A 123 -16.54 -3.75 -12.32
CA LEU A 123 -17.04 -3.85 -10.94
C LEU A 123 -18.36 -3.12 -10.78
N ASN A 124 -18.41 -1.87 -11.23
CA ASN A 124 -19.63 -1.08 -11.07
C ASN A 124 -20.83 -1.66 -11.81
N ASP A 125 -20.63 -2.14 -13.03
CA ASP A 125 -21.75 -2.64 -13.85
C ASP A 125 -22.17 -4.05 -13.45
N HIS A 126 -21.19 -4.91 -13.18
CA HIS A 126 -21.44 -6.35 -13.06
C HIS A 126 -21.36 -6.92 -11.65
N LEU A 127 -20.54 -6.34 -10.79
CA LEU A 127 -20.26 -6.99 -9.50
C LEU A 127 -20.83 -6.28 -8.29
N GLU A 128 -20.96 -4.96 -8.35
CA GLU A 128 -21.49 -4.19 -7.22
C GLU A 128 -22.88 -4.62 -6.69
N PRO A 129 -23.86 -4.84 -7.59
CA PRO A 129 -25.16 -5.29 -7.09
C PRO A 129 -25.08 -6.57 -6.25
N TRP A 130 -24.29 -7.53 -6.70
CA TRP A 130 -24.05 -8.74 -5.92
C TRP A 130 -23.33 -8.39 -4.60
N ILE A 131 -22.25 -7.64 -4.70
CA ILE A 131 -21.52 -7.21 -3.51
C ILE A 131 -22.45 -6.55 -2.46
N GLN A 132 -23.29 -5.63 -2.90
CA GLN A 132 -24.17 -4.93 -1.95
C GLN A 132 -25.22 -5.84 -1.30
N GLU A 133 -25.57 -6.94 -1.95
CA GLU A 133 -26.60 -7.84 -1.43
C GLU A 133 -25.98 -9.01 -0.69
N ASN A 134 -24.67 -9.11 -0.76
CA ASN A 134 -23.96 -10.19 -0.05
C ASN A 134 -23.09 -9.66 1.07
N GLY A 135 -23.55 -8.60 1.72
CA GLY A 135 -22.90 -8.09 2.91
C GLY A 135 -21.86 -7.02 2.69
N GLY A 136 -21.59 -6.68 1.43
CA GLY A 136 -20.62 -5.63 1.14
C GLY A 136 -19.20 -6.09 1.38
N TRP A 137 -18.23 -5.21 1.14
CA TRP A 137 -16.83 -5.58 1.31
C TRP A 137 -16.47 -5.90 2.76
N ASP A 138 -17.27 -5.38 3.71
CA ASP A 138 -17.07 -5.72 5.11
C ASP A 138 -17.25 -7.23 5.33
N THR A 139 -18.21 -7.83 4.63
CA THR A 139 -18.39 -9.29 4.72
C THR A 139 -17.21 -10.05 4.08
N PHE A 140 -16.69 -9.53 2.97
CA PHE A 140 -15.48 -10.10 2.37
C PHE A 140 -14.34 -10.15 3.37
N VAL A 141 -14.17 -9.05 4.11
CA VAL A 141 -13.11 -9.01 5.12
C VAL A 141 -13.29 -10.09 6.18
N GLU A 142 -14.52 -10.32 6.62
CA GLU A 142 -14.79 -11.32 7.65
C GLU A 142 -14.51 -12.72 7.15
N LEU A 143 -14.74 -12.95 5.86
CA LEU A 143 -14.59 -14.27 5.26
C LEU A 143 -13.17 -14.57 4.77
N TYR A 144 -12.45 -13.52 4.35
CA TYR A 144 -11.15 -13.68 3.70
C TYR A 144 -9.99 -13.02 4.42
N GLY A 145 -10.27 -12.19 5.43
CA GLY A 145 -9.21 -11.46 6.10
C GLY A 145 -8.40 -12.29 7.09
N ASN A 146 -7.21 -11.79 7.43
CA ASN A 146 -6.22 -12.50 8.25
C ASN A 146 -5.58 -13.68 7.53
N SER B 9 -14.43 4.16 -4.75
CA SER B 9 -14.29 3.11 -3.74
C SER B 9 -13.93 1.77 -4.38
N ASN B 10 -14.70 1.34 -5.38
CA ASN B 10 -14.23 0.22 -6.18
C ASN B 10 -12.96 0.60 -6.95
N ARG B 11 -12.87 1.85 -7.40
CA ARG B 11 -11.64 2.29 -8.04
C ARG B 11 -10.48 2.25 -7.05
N GLU B 12 -10.72 2.65 -5.80
CA GLU B 12 -9.64 2.63 -4.78
C GLU B 12 -9.11 1.23 -4.57
N LEU B 13 -10.00 0.23 -4.61
CA LEU B 13 -9.60 -1.18 -4.47
C LEU B 13 -8.78 -1.62 -5.67
N VAL B 14 -9.27 -1.29 -6.87
CA VAL B 14 -8.54 -1.59 -8.10
C VAL B 14 -7.12 -1.03 -8.06
N VAL B 15 -7.02 0.26 -7.78
CA VAL B 15 -5.71 0.94 -7.77
C VAL B 15 -4.76 0.32 -6.76
N ASP B 16 -5.25 0.05 -5.55
CA ASP B 16 -4.42 -0.55 -4.54
C ASP B 16 -3.93 -1.92 -4.97
N PHE B 17 -4.84 -2.75 -5.45
CA PHE B 17 -4.44 -4.11 -5.79
C PHE B 17 -3.43 -4.15 -6.94
N LEU B 18 -3.73 -3.43 -8.02
CA LEU B 18 -2.84 -3.37 -9.17
C LEU B 18 -1.45 -2.87 -8.78
N SER B 19 -1.43 -1.87 -7.92
CA SER B 19 -0.17 -1.28 -7.50
C SER B 19 0.63 -2.27 -6.65
N TYR B 20 -0.07 -2.98 -5.77
CA TYR B 20 0.56 -3.99 -4.92
C TYR B 20 1.15 -5.08 -5.78
N LYS B 21 0.34 -5.55 -6.73
CA LYS B 21 0.76 -6.63 -7.63
C LYS B 21 1.94 -6.23 -8.51
N LEU B 22 1.89 -5.03 -9.09
CA LEU B 22 2.98 -4.58 -9.94
C LEU B 22 4.30 -4.50 -9.15
N SER B 23 4.26 -3.90 -7.96
CA SER B 23 5.47 -3.79 -7.14
C SER B 23 6.05 -5.15 -6.79
N GLN B 24 5.16 -6.09 -6.52
CA GLN B 24 5.54 -7.47 -6.25
C GLN B 24 6.36 -8.06 -7.38
N LYS B 25 6.05 -7.64 -8.61
CA LYS B 25 6.76 -8.17 -9.76
C LYS B 25 7.78 -7.19 -10.28
N GLY B 26 8.08 -6.14 -9.52
CA GLY B 26 9.20 -5.24 -9.84
C GLY B 26 8.86 -3.96 -10.59
N TYR B 27 7.58 -3.61 -10.68
CA TYR B 27 7.13 -2.48 -11.49
C TYR B 27 6.44 -1.41 -10.62
N SER B 28 6.33 -0.18 -11.14
CA SER B 28 5.83 0.94 -10.31
C SER B 28 4.58 1.61 -10.85
N TRP B 29 3.46 1.46 -10.14
CA TRP B 29 2.22 2.14 -10.51
C TRP B 29 2.40 3.66 -10.39
N SER B 30 3.10 4.07 -9.34
CA SER B 30 3.36 5.49 -9.09
C SER B 30 4.79 5.64 -8.61
N GLN B 31 5.25 6.88 -8.52
CA GLN B 31 6.62 7.15 -8.09
C GLN B 31 6.93 6.63 -6.69
N MET B 32 5.94 6.62 -5.80
CA MET B 32 6.21 6.15 -4.43
C MET B 32 6.11 4.65 -4.27
N ALA B 33 5.72 3.93 -5.33
CA ALA B 33 5.45 2.49 -5.20
C ALA B 33 6.64 1.73 -4.63
N ALA B 34 7.82 1.94 -5.20
CA ALA B 34 9.01 1.23 -4.72
C ALA B 34 9.47 1.78 -3.38
N VAL B 35 9.18 3.06 -3.13
CA VAL B 35 9.56 3.68 -1.85
C VAL B 35 8.75 3.13 -0.66
N LYS B 36 7.44 3.06 -0.83
CA LYS B 36 6.56 2.49 0.20
C LYS B 36 7.03 1.09 0.59
N GLN B 37 7.30 0.24 -0.39
CA GLN B 37 7.72 -1.13 -0.11
C GLN B 37 9.08 -1.20 0.60
N ALA B 38 10.04 -0.40 0.15
CA ALA B 38 11.35 -0.38 0.80
C ALA B 38 11.21 0.15 2.23
N LEU B 39 10.36 1.16 2.42
CA LEU B 39 10.16 1.73 3.76
C LEU B 39 9.51 0.72 4.70
N ARG B 40 8.53 -0.04 4.18
CA ARG B 40 7.91 -1.12 4.96
C ARG B 40 8.96 -2.11 5.43
N GLU B 41 9.84 -2.49 4.51
CA GLU B 41 10.86 -3.48 4.81
C GLU B 41 11.88 -2.93 5.79
N ALA B 42 12.27 -1.66 5.59
CA ALA B 42 13.29 -1.05 6.43
C ALA B 42 12.76 -0.84 7.85
N GLY B 43 11.49 -0.50 7.95
CA GLY B 43 10.84 -0.35 9.24
C GLY B 43 10.79 -1.65 10.03
N ASP B 44 10.43 -2.75 9.37
CA ASP B 44 10.42 -4.07 10.03
C ASP B 44 11.83 -4.38 10.55
N GLU B 45 12.83 -4.16 9.71
CA GLU B 45 14.21 -4.42 10.11
C GLU B 45 14.63 -3.59 11.31
N PHE B 46 14.31 -2.30 11.28
CA PHE B 46 14.67 -1.42 12.38
C PHE B 46 14.06 -1.90 13.69
N GLU B 47 12.78 -2.23 13.65
CA GLU B 47 12.05 -2.65 14.84
C GLU B 47 12.58 -3.98 15.39
N LEU B 48 12.90 -4.90 14.48
CA LEU B 48 13.41 -6.22 14.87
C LEU B 48 14.81 -6.14 15.47
N ARG B 49 15.65 -5.30 14.90
CA ARG B 49 17.08 -5.31 15.24
C ARG B 49 17.49 -4.22 16.20
N TYR B 50 16.90 -3.04 16.04
CA TYR B 50 17.53 -1.84 16.57
C TYR B 50 16.83 -1.22 17.74
N ARG B 51 15.52 -1.15 17.64
CA ARG B 51 14.71 -0.30 18.51
C ARG B 51 15.01 -0.49 19.99
N ARG B 52 15.09 -1.75 20.42
CA ARG B 52 15.31 -2.08 21.82
C ARG B 52 16.62 -1.52 22.38
N ALA B 53 17.50 -1.06 21.49
CA ALA B 53 18.80 -0.56 21.92
C ALA B 53 18.79 0.93 22.24
N PHE B 54 17.74 1.63 21.82
CA PHE B 54 17.63 3.07 22.09
C PHE B 54 16.64 3.30 23.21
N SER B 55 16.64 4.50 23.75
CA SER B 55 15.60 4.89 24.71
C SER B 55 14.26 5.02 23.98
N ASP B 56 13.21 4.47 24.57
CA ASP B 56 11.87 4.48 23.98
C ASP B 56 11.31 5.90 23.87
N LEU B 57 11.25 6.43 22.66
CA LEU B 57 10.73 7.78 22.45
C LEU B 57 9.23 7.91 22.73
N THR B 58 8.48 6.82 22.63
CA THR B 58 7.05 6.88 22.94
C THR B 58 6.80 7.22 24.41
N SER B 59 7.74 6.83 25.28
CA SER B 59 7.63 7.12 26.71
C SER B 59 7.78 8.61 27.00
N GLN B 60 8.58 9.29 26.18
CA GLN B 60 8.78 10.73 26.35
C GLN B 60 7.58 11.55 25.86
N LEU B 61 6.84 11.04 24.88
CA LEU B 61 5.73 11.80 24.33
C LEU B 61 4.46 11.65 25.18
N HIS B 62 4.25 10.46 25.74
CA HIS B 62 3.03 10.15 26.51
C HIS B 62 1.80 10.81 25.91
N ILE B 63 1.45 10.36 24.71
CA ILE B 63 0.41 10.96 23.88
C ILE B 63 -1.00 10.89 24.51
N THR B 64 -1.72 12.01 24.40
CA THR B 64 -3.09 12.15 24.91
C THR B 64 -3.88 12.98 23.92
N PRO B 65 -5.21 13.08 24.09
CA PRO B 65 -5.97 13.94 23.18
C PRO B 65 -5.53 15.41 23.21
N GLY B 66 -4.87 15.84 24.30
CA GLY B 66 -4.44 17.22 24.40
C GLY B 66 -3.12 17.51 23.71
N THR B 67 -2.41 16.45 23.32
CA THR B 67 -1.11 16.58 22.66
C THR B 67 -1.23 17.28 21.31
N ALA B 68 -0.41 18.30 21.09
CA ALA B 68 -0.34 19.00 19.81
C ALA B 68 1.00 18.75 19.11
N TYR B 69 1.10 19.23 17.87
CA TYR B 69 2.31 19.08 17.07
C TYR B 69 3.61 19.45 17.80
N GLN B 70 3.58 20.56 18.54
CA GLN B 70 4.78 21.06 19.22
C GLN B 70 5.47 20.01 20.09
N SER B 71 4.68 19.25 20.84
CA SER B 71 5.20 18.21 21.72
C SER B 71 5.84 17.10 20.91
N PHE B 72 5.18 16.69 19.83
CA PHE B 72 5.67 15.68 18.89
C PHE B 72 6.97 16.14 18.26
N GLU B 73 7.01 17.40 17.81
CA GLU B 73 8.23 17.92 17.18
C GLU B 73 9.43 17.91 18.15
N GLN B 74 9.22 18.38 19.38
CA GLN B 74 10.28 18.44 20.39
C GLN B 74 10.86 17.05 20.69
N VAL B 75 10.02 16.03 20.60
CA VAL B 75 10.47 14.68 20.91
C VAL B 75 11.20 14.05 19.73
N VAL B 76 10.66 14.26 18.54
CA VAL B 76 11.26 13.73 17.32
C VAL B 76 12.62 14.38 17.06
N ASN B 77 12.77 15.65 17.47
CA ASN B 77 14.05 16.35 17.33
C ASN B 77 15.20 15.57 17.98
N GLU B 78 14.90 14.78 19.01
CA GLU B 78 15.95 14.02 19.68
C GLU B 78 16.52 12.96 18.74
N LEU B 79 15.68 12.46 17.84
CA LEU B 79 16.11 11.48 16.85
C LEU B 79 17.16 12.07 15.91
N PHE B 80 16.99 13.34 15.60
CA PHE B 80 17.85 14.02 14.62
C PHE B 80 18.80 15.03 15.22
N ARG B 81 19.11 14.89 16.51
CA ARG B 81 19.96 15.85 17.19
C ARG B 81 21.38 15.89 16.60
N ASP B 82 21.84 14.76 16.07
CA ASP B 82 23.17 14.71 15.44
C ASP B 82 23.09 14.78 13.91
N GLY B 83 21.94 15.20 13.38
CA GLY B 83 21.76 15.34 11.94
C GLY B 83 20.82 14.32 11.34
N VAL B 84 20.52 14.48 10.05
CA VAL B 84 19.65 13.56 9.33
C VAL B 84 20.48 12.46 8.64
N ASN B 85 19.95 11.24 8.61
CA ASN B 85 20.45 10.17 7.75
C ASN B 85 19.28 9.24 7.45
N TRP B 86 19.44 8.29 6.53
CA TRP B 86 18.27 7.49 6.15
C TRP B 86 17.78 6.61 7.31
N GLY B 87 18.72 6.10 8.09
CA GLY B 87 18.40 5.27 9.24
C GLY B 87 17.48 5.99 10.22
N ARG B 88 17.81 7.24 10.54
CA ARG B 88 16.99 8.03 11.44
C ARG B 88 15.62 8.36 10.83
N ILE B 89 15.58 8.57 9.52
CA ILE B 89 14.30 8.75 8.83
C ILE B 89 13.43 7.48 8.95
N VAL B 90 14.03 6.30 8.82
CA VAL B 90 13.30 5.04 9.06
C VAL B 90 12.78 5.01 10.50
N ALA B 91 13.66 5.31 11.46
CA ALA B 91 13.26 5.33 12.87
C ALA B 91 12.07 6.27 13.09
N PHE B 92 12.11 7.44 12.44
CA PHE B 92 11.02 8.42 12.47
C PHE B 92 9.67 7.83 12.05
N PHE B 93 9.63 7.14 10.91
CA PHE B 93 8.41 6.46 10.49
C PHE B 93 7.99 5.37 11.49
N SER B 94 8.94 4.54 11.94
CA SER B 94 8.63 3.52 12.94
CA SER B 94 8.63 3.52 12.94
C SER B 94 8.02 4.14 14.19
N PHE B 95 8.56 5.29 14.61
CA PHE B 95 8.06 6.00 15.79
C PHE B 95 6.62 6.42 15.60
N GLY B 96 6.35 6.99 14.43
CA GLY B 96 5.00 7.41 14.09
C GLY B 96 4.05 6.22 14.12
N GLY B 97 4.50 5.10 13.56
CA GLY B 97 3.69 3.90 13.56
C GLY B 97 3.44 3.41 14.98
N ALA B 98 4.45 3.51 15.85
CA ALA B 98 4.27 3.04 17.22
C ALA B 98 3.30 3.91 18.02
N LEU B 99 3.35 5.21 17.80
CA LEU B 99 2.38 6.12 18.43
C LEU B 99 0.96 5.80 17.97
N CYS B 100 0.80 5.42 16.71
CA CYS B 100 -0.51 5.07 16.17
C CYS B 100 -1.05 3.78 16.79
N VAL B 101 -0.19 2.76 16.87
CA VAL B 101 -0.58 1.52 17.54
C VAL B 101 -0.91 1.76 19.01
N GLU B 102 -0.07 2.55 19.68
CA GLU B 102 -0.31 2.87 21.09
C GLU B 102 -1.65 3.58 21.27
N SER B 103 -1.96 4.50 20.36
CA SER B 103 -3.22 5.24 20.42
C SER B 103 -4.43 4.32 20.30
N VAL B 104 -4.34 3.32 19.42
CA VAL B 104 -5.44 2.38 19.26
C VAL B 104 -5.55 1.45 20.46
N ASP B 105 -4.41 1.02 21.02
CA ASP B 105 -4.43 0.19 22.22
C ASP B 105 -5.23 0.90 23.31
N LYS B 106 -5.07 2.22 23.37
CA LYS B 106 -5.67 3.04 24.40
C LYS B 106 -7.01 3.64 24.00
N GLU B 107 -7.61 3.08 22.94
CA GLU B 107 -8.94 3.49 22.47
C GLU B 107 -8.98 4.97 22.10
N MET B 108 -7.90 5.44 21.50
CA MET B 108 -7.81 6.82 21.07
C MET B 108 -7.54 6.85 19.56
N GLN B 109 -8.34 6.09 18.81
CA GLN B 109 -8.14 5.94 17.36
C GLN B 109 -8.18 7.29 16.64
N VAL B 110 -8.86 8.27 17.24
CA VAL B 110 -8.91 9.62 16.69
C VAL B 110 -7.51 10.27 16.52
N LEU B 111 -6.56 9.83 17.33
CA LEU B 111 -5.22 10.40 17.28
C LEU B 111 -4.45 9.97 16.04
N VAL B 112 -4.91 8.91 15.39
CA VAL B 112 -4.15 8.34 14.28
C VAL B 112 -4.01 9.34 13.12
N SER B 113 -5.09 10.02 12.75
CA SER B 113 -5.00 10.99 11.65
C SER B 113 -4.21 12.22 12.07
N ARG B 114 -4.21 12.53 13.35
CA ARG B 114 -3.43 13.67 13.85
C ARG B 114 -1.93 13.37 13.79
N ILE B 115 -1.58 12.13 14.13
CA ILE B 115 -0.18 11.70 14.07
C ILE B 115 0.29 11.70 12.62
N ALA B 116 -0.59 11.29 11.71
CA ALA B 116 -0.24 11.28 10.29
C ALA B 116 0.01 12.70 9.78
N ALA B 117 -0.79 13.66 10.23
CA ALA B 117 -0.60 15.05 9.84
C ALA B 117 0.69 15.61 10.44
N TRP B 118 0.97 15.26 11.69
CA TRP B 118 2.21 15.66 12.34
C TRP B 118 3.39 15.14 11.56
N MET B 119 3.31 13.88 11.14
CA MET B 119 4.42 13.29 10.41
C MET B 119 4.69 14.02 9.10
N ALA B 120 3.62 14.38 8.38
CA ALA B 120 3.79 15.03 7.10
C ALA B 120 4.42 16.41 7.25
N THR B 121 4.06 17.10 8.34
CA THR B 121 4.63 18.42 8.62
C THR B 121 6.10 18.31 8.99
N TYR B 122 6.45 17.38 9.88
CA TYR B 122 7.83 17.23 10.28
C TYR B 122 8.68 16.83 9.07
N LEU B 123 8.18 15.87 8.29
CA LEU B 123 8.87 15.34 7.11
C LEU B 123 9.19 16.48 6.16
N ASN B 124 8.18 17.29 5.84
CA ASN B 124 8.38 18.42 4.93
C ASN B 124 9.33 19.49 5.49
N ASP B 125 9.08 19.91 6.73
CA ASP B 125 9.86 20.96 7.39
C ASP B 125 11.32 20.60 7.63
N HIS B 126 11.57 19.37 8.10
CA HIS B 126 12.87 19.05 8.67
C HIS B 126 13.63 17.97 7.95
N LEU B 127 12.94 17.18 7.13
CA LEU B 127 13.58 16.02 6.53
C LEU B 127 13.72 16.15 5.01
N GLU B 128 12.66 16.60 4.35
CA GLU B 128 12.67 16.70 2.88
C GLU B 128 13.80 17.54 2.26
N PRO B 129 14.17 18.68 2.87
CA PRO B 129 15.28 19.41 2.24
C PRO B 129 16.57 18.60 2.19
N TRP B 130 16.80 17.77 3.21
CA TRP B 130 17.95 16.87 3.21
C TRP B 130 17.75 15.76 2.18
N ILE B 131 16.55 15.18 2.15
CA ILE B 131 16.23 14.13 1.18
C ILE B 131 16.48 14.59 -0.26
N GLN B 132 15.99 15.79 -0.58
CA GLN B 132 16.14 16.35 -1.93
C GLN B 132 17.58 16.57 -2.37
N GLU B 133 18.46 16.88 -1.43
CA GLU B 133 19.87 17.10 -1.75
C GLU B 133 20.66 15.79 -1.77
N ASN B 134 20.05 14.73 -1.25
CA ASN B 134 20.72 13.45 -1.12
C ASN B 134 20.12 12.44 -2.08
N GLY B 135 19.65 12.95 -3.21
CA GLY B 135 19.20 12.13 -4.32
C GLY B 135 17.75 11.64 -4.27
N GLY B 136 16.92 12.28 -3.44
CA GLY B 136 15.51 11.93 -3.34
C GLY B 136 15.21 10.54 -2.80
N TRP B 137 13.94 10.15 -2.84
CA TRP B 137 13.52 8.85 -2.33
C TRP B 137 14.04 7.68 -3.16
N ASP B 138 14.35 7.93 -4.43
CA ASP B 138 14.92 6.89 -5.26
C ASP B 138 16.27 6.42 -4.72
N THR B 139 17.00 7.32 -4.08
CA THR B 139 18.27 6.96 -3.46
C THR B 139 18.04 6.03 -2.27
N PHE B 140 17.06 6.35 -1.41
CA PHE B 140 16.64 5.45 -0.34
C PHE B 140 16.37 4.06 -0.88
N VAL B 141 15.62 4.01 -1.99
CA VAL B 141 15.33 2.73 -2.64
C VAL B 141 16.61 2.04 -3.10
N GLU B 142 17.51 2.80 -3.74
CA GLU B 142 18.80 2.26 -4.17
C GLU B 142 19.58 1.66 -3.01
N LEU B 143 19.55 2.33 -1.86
CA LEU B 143 20.31 1.90 -0.69
C LEU B 143 19.59 0.86 0.17
N TYR B 144 18.28 1.06 0.37
CA TYR B 144 17.55 0.28 1.38
C TYR B 144 16.55 -0.68 0.77
N GLY B 145 16.29 -0.55 -0.53
CA GLY B 145 15.39 -1.45 -1.21
C GLY B 145 16.08 -2.79 -1.36
N ASN B 146 15.35 -3.82 -1.78
CA ASN B 146 16.00 -5.10 -1.90
C ASN B 146 16.94 -5.17 -3.09
N ASN B 147 18.23 -5.33 -2.78
CA ASN B 147 19.28 -5.40 -3.80
C ASN B 147 19.99 -6.74 -3.76
N ALA B 148 19.33 -7.74 -3.20
CA ALA B 148 19.89 -9.08 -3.15
C ALA B 148 20.09 -9.61 -4.58
N ALA B 149 19.18 -9.22 -5.47
CA ALA B 149 19.21 -9.65 -6.86
C ALA B 149 20.42 -9.07 -7.60
N ALA B 150 20.63 -7.77 -7.41
CA ALA B 150 21.78 -7.09 -8.01
C ALA B 150 23.09 -7.65 -7.46
N GLU B 151 23.10 -7.96 -6.16
CA GLU B 151 24.28 -8.54 -5.51
C GLU B 151 24.63 -9.93 -6.06
N SER B 152 23.61 -10.69 -6.44
CA SER B 152 23.84 -12.03 -7.02
C SER B 152 24.50 -11.95 -8.39
#